data_4KT8
#
_entry.id   4KT8
#
_cell.length_a   106.287
_cell.length_b   106.287
_cell.length_c   66.753
_cell.angle_alpha   90.00
_cell.angle_beta   90.00
_cell.angle_gamma   90.00
#
_symmetry.space_group_name_H-M   'P 43 21 2'
#
loop_
_entity.id
_entity.type
_entity.pdbx_description
1 polymer 'Diterpene synthase'
2 non-polymer 'PHOSPHATE ION'
3 non-polymer '(2E)-3-methyl-5-[(1R,2S,8aS)-1,2,5,5-tetramethyl-1,2,3,5,6,7,8,8a-octahydronaphthalen-1-yl]pent-2-en-1-yl trihydrogen diphosphate'
4 water water
#
_entity_poly.entity_id   1
_entity_poly.type   'polypeptide(L)'
_entity_poly.pdbx_seq_one_letter_code
;MNLVSEKEFLDLPLVSVAEIVRCRGPKVSVFPFDGTRRWFHLECNPQYDDFQQAALRQSIRILKMLFEHGIETVISPIFS
DDLLDRGDRFIVQALEGMALLANDEEILSFYKEHEVHVLFYGDYKKRLPSTAQGAAVVKSFDDLTISTSSNTEHRLCFGV
FGNDAAESVAQFSISWNETHGKPPTRREIIEGYYGEYVDKADMFIGFGRFSTFDFPLLSSGKTSLYFTVAPSYYMTETTL
RRILYDHIYLRHFRPKPDYSAMSADQLNVLRNRYRAQPDRVFGVGCVHDGIWFAEG
;
_entity_poly.pdbx_strand_id   A
#
loop_
_chem_comp.id
_chem_comp.type
_chem_comp.name
_chem_comp.formula
9AX non-polymer '(2E)-3-methyl-5-[(1R,2S,8aS)-1,2,5,5-tetramethyl-1,2,3,5,6,7,8,8a-octahydronaphthalen-1-yl]pent-2-en-1-yl trihydrogen diphosphate' 'C20 H36 O7 P2'
PO4 non-polymer 'PHOSPHATE ION' 'O4 P -3'
#
# COMPACT_ATOMS: atom_id res chain seq x y z
N MET A 1 -11.26 -7.95 23.39
CA MET A 1 -10.81 -8.01 21.96
C MET A 1 -11.53 -6.94 21.14
N ASN A 2 -12.86 -6.96 21.16
CA ASN A 2 -13.66 -6.00 20.42
C ASN A 2 -13.94 -4.76 21.28
N LEU A 3 -13.35 -4.72 22.47
CA LEU A 3 -13.54 -3.60 23.37
C LEU A 3 -12.25 -2.99 23.91
N VAL A 4 -11.32 -2.69 23.01
CA VAL A 4 -10.06 -2.08 23.40
C VAL A 4 -10.11 -0.59 23.11
N SER A 5 -9.74 0.21 24.11
CA SER A 5 -9.76 1.66 23.96
C SER A 5 -8.57 2.12 23.14
N GLU A 6 -8.71 3.24 22.43
CA GLU A 6 -7.63 3.76 21.62
C GLU A 6 -6.40 4.02 22.48
N LYS A 7 -6.62 4.51 23.70
CA LYS A 7 -5.50 4.79 24.60
C LYS A 7 -4.75 3.50 24.91
N GLU A 8 -5.49 2.45 25.26
CA GLU A 8 -4.86 1.18 25.57
C GLU A 8 -4.14 0.67 24.33
N PHE A 9 -4.82 0.75 23.20
CA PHE A 9 -4.26 0.32 21.92
C PHE A 9 -2.91 1.00 21.69
N LEU A 10 -2.83 2.27 22.07
CA LEU A 10 -1.61 3.04 21.91
C LEU A 10 -0.57 2.71 22.97
N ASP A 11 -1.01 2.15 24.10
CA ASP A 11 -0.10 1.79 25.18
C ASP A 11 0.36 0.34 25.06
N LEU A 12 -0.44 -0.48 24.39
CA LEU A 12 -0.14 -1.90 24.21
C LEU A 12 1.22 -2.19 23.59
N PRO A 13 1.83 -3.32 23.97
CA PRO A 13 3.13 -3.72 23.43
C PRO A 13 2.95 -4.09 21.97
N LEU A 14 4.03 -4.08 21.20
CA LEU A 14 3.96 -4.41 19.79
C LEU A 14 3.34 -5.78 19.52
N VAL A 15 3.82 -6.80 20.23
CA VAL A 15 3.30 -8.15 20.04
C VAL A 15 1.81 -8.28 20.35
N SER A 16 1.29 -7.35 21.14
CA SER A 16 -0.13 -7.37 21.48
C SER A 16 -0.94 -6.78 20.32
N VAL A 17 -0.45 -5.68 19.77
CA VAL A 17 -1.12 -5.03 18.65
C VAL A 17 -1.15 -5.98 17.45
N ALA A 18 -0.02 -6.65 17.21
CA ALA A 18 0.09 -7.58 16.09
C ALA A 18 -0.95 -8.68 16.19
N GLU A 19 -1.17 -9.20 17.39
CA GLU A 19 -2.15 -10.26 17.61
C GLU A 19 -3.56 -9.78 17.29
N ILE A 20 -3.86 -8.54 17.65
CA ILE A 20 -5.18 -7.96 17.38
C ILE A 20 -5.37 -7.82 15.87
N VAL A 21 -4.33 -7.34 15.19
CA VAL A 21 -4.39 -7.14 13.74
C VAL A 21 -4.49 -8.46 12.98
N ARG A 22 -3.84 -9.50 13.49
CA ARG A 22 -3.89 -10.81 12.86
C ARG A 22 -5.31 -11.37 12.92
N CYS A 23 -6.07 -10.92 13.91
CA CYS A 23 -7.44 -11.38 14.09
C CYS A 23 -8.49 -10.45 13.50
N ARG A 24 -8.27 -9.14 13.61
CA ARG A 24 -9.22 -8.16 13.11
C ARG A 24 -8.83 -7.49 11.79
N GLY A 25 -7.56 -7.62 11.40
CA GLY A 25 -7.10 -7.00 10.18
C GLY A 25 -6.47 -5.66 10.49
N PRO A 26 -6.03 -4.88 9.48
CA PRO A 26 -6.14 -5.19 8.05
C PRO A 26 -5.21 -6.31 7.61
N LYS A 27 -5.69 -7.14 6.69
CA LYS A 27 -4.91 -8.25 6.18
C LYS A 27 -4.00 -7.75 5.07
N VAL A 28 -4.54 -6.88 4.23
CA VAL A 28 -3.80 -6.32 3.10
C VAL A 28 -3.77 -4.79 3.19
N SER A 29 -2.57 -4.23 3.13
CA SER A 29 -2.40 -2.79 3.23
C SER A 29 -1.54 -2.25 2.09
N VAL A 30 -2.00 -1.17 1.48
CA VAL A 30 -1.27 -0.54 0.40
C VAL A 30 -0.48 0.63 0.98
N PHE A 31 0.82 0.64 0.76
CA PHE A 31 1.66 1.72 1.28
C PHE A 31 2.73 2.12 0.26
N PRO A 32 2.43 3.11 -0.58
CA PRO A 32 3.37 3.56 -1.60
C PRO A 32 4.43 4.46 -0.95
N PHE A 33 5.63 4.47 -1.52
CA PHE A 33 6.72 5.29 -1.00
C PHE A 33 6.84 6.58 -1.82
N ASP A 34 6.07 7.59 -1.42
CA ASP A 34 6.08 8.88 -2.10
C ASP A 34 6.86 9.94 -1.34
N GLY A 35 7.06 11.08 -1.99
CA GLY A 35 7.80 12.17 -1.38
C GLY A 35 9.17 11.76 -0.86
N THR A 36 9.89 10.99 -1.64
CA THR A 36 11.22 10.53 -1.25
C THR A 36 12.28 11.62 -1.43
N ARG A 37 12.30 12.22 -2.62
CA ARG A 37 13.27 13.29 -2.90
C ARG A 37 13.08 14.43 -1.89
N ARG A 38 11.83 14.73 -1.59
CA ARG A 38 11.48 15.78 -0.65
C ARG A 38 12.04 15.45 0.73
N TRP A 39 11.79 14.22 1.18
CA TRP A 39 12.27 13.76 2.48
C TRP A 39 13.79 13.87 2.54
N PHE A 40 14.44 13.46 1.46
CA PHE A 40 15.90 13.50 1.38
C PHE A 40 16.39 14.93 1.48
N HIS A 41 15.71 15.84 0.80
CA HIS A 41 16.07 17.26 0.82
C HIS A 41 15.52 17.94 2.07
N LEU A 42 15.46 17.19 3.17
CA LEU A 42 14.95 17.74 4.43
C LEU A 42 15.53 17.08 5.67
N GLU A 43 15.97 15.84 5.52
CA GLU A 43 16.55 15.10 6.65
C GLU A 43 17.96 14.63 6.35
N PHE A 51 21.39 8.72 -1.33
CA PHE A 51 19.96 8.74 -1.66
C PHE A 51 19.39 7.33 -1.74
N GLN A 52 19.99 6.51 -2.60
CA GLN A 52 19.56 5.13 -2.78
C GLN A 52 19.67 4.32 -1.50
N GLN A 53 20.76 4.52 -0.76
CA GLN A 53 20.98 3.79 0.47
C GLN A 53 20.20 4.37 1.65
N ALA A 54 19.74 5.60 1.50
CA ALA A 54 18.97 6.25 2.56
C ALA A 54 17.50 5.86 2.46
N ALA A 55 16.96 5.90 1.25
CA ALA A 55 15.57 5.54 1.02
C ALA A 55 15.37 4.06 1.32
N LEU A 56 16.36 3.25 0.94
CA LEU A 56 16.31 1.81 1.17
C LEU A 56 16.16 1.51 2.65
N ARG A 57 16.88 2.25 3.49
CA ARG A 57 16.80 2.05 4.93
C ARG A 57 15.41 2.38 5.44
N GLN A 58 14.89 3.54 5.03
CA GLN A 58 13.56 3.95 5.45
C GLN A 58 12.48 2.99 4.96
N SER A 59 12.58 2.57 3.72
CA SER A 59 11.62 1.63 3.16
C SER A 59 11.57 0.40 4.04
N ILE A 60 12.75 -0.09 4.41
CA ILE A 60 12.86 -1.27 5.25
C ILE A 60 12.26 -0.99 6.62
N ARG A 61 12.54 0.19 7.16
CA ARG A 61 12.02 0.57 8.47
C ARG A 61 10.50 0.46 8.46
N ILE A 62 9.87 1.17 7.52
CA ILE A 62 8.42 1.18 7.41
C ILE A 62 7.86 -0.21 7.11
N LEU A 63 8.45 -0.91 6.14
CA LEU A 63 7.99 -2.26 5.81
C LEU A 63 8.08 -3.16 7.03
N LYS A 64 9.17 -3.02 7.79
CA LYS A 64 9.36 -3.83 8.98
C LYS A 64 8.29 -3.46 10.00
N MET A 65 8.00 -2.17 10.08
CA MET A 65 6.98 -1.65 11.00
C MET A 65 5.62 -2.25 10.66
N LEU A 66 5.25 -2.20 9.39
CA LEU A 66 3.98 -2.75 8.95
C LEU A 66 3.84 -4.23 9.25
N PHE A 67 4.88 -5.01 8.91
CA PHE A 67 4.84 -6.44 9.15
C PHE A 67 4.85 -6.79 10.64
N GLU A 68 5.61 -6.03 11.42
CA GLU A 68 5.69 -6.30 12.86
C GLU A 68 4.39 -5.94 13.58
N HIS A 69 3.48 -5.28 12.88
CA HIS A 69 2.20 -4.91 13.48
C HIS A 69 1.11 -5.91 13.12
N GLY A 70 1.50 -7.01 12.48
CA GLY A 70 0.55 -8.04 12.12
C GLY A 70 0.06 -8.08 10.69
N ILE A 71 0.32 -7.02 9.92
CA ILE A 71 -0.12 -6.97 8.54
C ILE A 71 0.55 -8.08 7.74
N GLU A 72 -0.27 -8.92 7.11
CA GLU A 72 0.24 -10.03 6.33
C GLU A 72 0.81 -9.60 4.99
N THR A 73 0.00 -8.90 4.20
CA THR A 73 0.43 -8.44 2.88
C THR A 73 0.52 -6.93 2.76
N VAL A 74 1.60 -6.48 2.14
CA VAL A 74 1.82 -5.05 1.92
C VAL A 74 2.02 -4.83 0.42
N ILE A 75 1.14 -4.02 -0.15
CA ILE A 75 1.22 -3.69 -1.58
C ILE A 75 1.90 -2.33 -1.62
N SER A 76 3.10 -2.27 -2.18
CA SER A 76 3.82 -1.02 -2.22
C SER A 76 4.24 -0.55 -3.61
N PRO A 77 3.51 0.44 -4.17
CA PRO A 77 3.85 0.95 -5.50
C PRO A 77 5.16 1.74 -5.37
N ILE A 78 6.11 1.46 -6.27
CA ILE A 78 7.39 2.16 -6.20
C ILE A 78 7.76 2.91 -7.48
N PHE A 79 7.31 2.39 -8.62
CA PHE A 79 7.60 3.01 -9.91
C PHE A 79 6.39 3.01 -10.82
N SER A 80 6.05 4.18 -11.35
CA SER A 80 4.91 4.30 -12.25
C SER A 80 5.38 4.83 -13.60
N ASP A 81 4.52 4.76 -14.61
CA ASP A 81 4.84 5.23 -15.95
C ASP A 81 5.44 6.63 -15.95
N ASP A 82 5.13 7.40 -14.92
CA ASP A 82 5.63 8.76 -14.80
C ASP A 82 7.12 8.75 -14.51
N LEU A 83 7.80 7.73 -15.05
CA LEU A 83 9.24 7.57 -14.86
C LEU A 83 9.99 8.04 -16.09
N LEU A 84 9.28 8.19 -17.21
CA LEU A 84 9.89 8.66 -18.45
C LEU A 84 9.68 10.16 -18.54
N ASP A 85 9.32 10.75 -17.40
CA ASP A 85 9.09 12.19 -17.29
C ASP A 85 10.37 12.84 -16.83
N ARG A 86 11.45 12.06 -16.80
CA ARG A 86 12.75 12.55 -16.37
C ARG A 86 13.89 12.04 -17.25
N GLY A 87 15.06 12.65 -17.10
CA GLY A 87 16.22 12.29 -17.90
C GLY A 87 16.73 10.86 -17.87
N ASP A 88 17.85 10.64 -18.56
CA ASP A 88 18.49 9.34 -18.66
C ASP A 88 19.09 8.90 -17.33
N ARG A 89 19.73 9.83 -16.62
CA ARG A 89 20.34 9.53 -15.34
C ARG A 89 19.30 8.94 -14.39
N PHE A 90 18.04 9.29 -14.62
CA PHE A 90 16.95 8.80 -13.78
C PHE A 90 16.72 7.31 -14.03
N ILE A 91 16.62 6.95 -15.31
CA ILE A 91 16.41 5.56 -15.70
C ILE A 91 17.44 4.67 -15.01
N VAL A 92 18.71 5.00 -15.19
CA VAL A 92 19.80 4.25 -14.59
C VAL A 92 19.61 4.18 -13.07
N GLN A 93 19.57 5.35 -12.44
CA GLN A 93 19.39 5.43 -10.99
C GLN A 93 18.19 4.61 -10.53
N ALA A 94 17.12 4.64 -11.32
CA ALA A 94 15.90 3.91 -11.00
C ALA A 94 16.14 2.40 -11.02
N LEU A 95 16.70 1.91 -12.11
CA LEU A 95 16.97 0.48 -12.24
C LEU A 95 17.97 0.00 -11.19
N GLU A 96 18.73 0.95 -10.64
CA GLU A 96 19.70 0.61 -9.61
C GLU A 96 18.95 0.40 -8.30
N GLY A 97 17.89 1.19 -8.11
CA GLY A 97 17.08 1.08 -6.92
C GLY A 97 16.30 -0.22 -6.98
N MET A 98 15.80 -0.54 -8.17
CA MET A 98 15.04 -1.76 -8.38
C MET A 98 15.92 -2.97 -8.10
N ALA A 99 17.18 -2.89 -8.53
CA ALA A 99 18.14 -3.97 -8.32
C ALA A 99 18.39 -4.20 -6.84
N LEU A 100 18.39 -3.11 -6.07
CA LEU A 100 18.62 -3.20 -4.63
C LEU A 100 17.57 -4.06 -3.94
N LEU A 101 16.32 -3.90 -4.36
CA LEU A 101 15.22 -4.65 -3.78
C LEU A 101 15.40 -6.16 -3.89
N ALA A 102 16.22 -6.59 -4.84
CA ALA A 102 16.45 -8.02 -5.04
C ALA A 102 17.89 -8.48 -4.87
N ASN A 103 18.81 -7.55 -4.64
CA ASN A 103 20.21 -7.93 -4.49
C ASN A 103 20.89 -7.51 -3.18
N ASP A 104 20.58 -6.31 -2.69
CA ASP A 104 21.21 -5.84 -1.46
C ASP A 104 21.06 -6.85 -0.33
N GLU A 105 22.14 -7.05 0.42
CA GLU A 105 22.19 -7.99 1.52
C GLU A 105 21.28 -7.68 2.73
N GLU A 106 21.24 -6.41 3.14
CA GLU A 106 20.43 -6.04 4.29
C GLU A 106 18.93 -6.23 4.07
N ILE A 107 18.47 -6.04 2.84
CA ILE A 107 17.05 -6.22 2.55
C ILE A 107 16.75 -7.71 2.36
N LEU A 108 17.70 -8.45 1.81
CA LEU A 108 17.52 -9.88 1.61
C LEU A 108 17.42 -10.54 2.97
N SER A 109 18.20 -10.04 3.93
CA SER A 109 18.19 -10.57 5.28
C SER A 109 16.83 -10.23 5.89
N PHE A 110 16.31 -9.06 5.54
CA PHE A 110 15.02 -8.62 6.04
C PHE A 110 13.95 -9.61 5.62
N TYR A 111 14.02 -10.05 4.36
CA TYR A 111 13.05 -11.01 3.83
C TYR A 111 13.19 -12.33 4.58
N LYS A 112 14.43 -12.76 4.78
CA LYS A 112 14.70 -14.02 5.47
C LYS A 112 14.37 -13.93 6.95
N GLU A 113 14.72 -12.81 7.57
CA GLU A 113 14.46 -12.58 8.99
C GLU A 113 12.96 -12.62 9.31
N HIS A 114 12.19 -11.88 8.53
CA HIS A 114 10.74 -11.81 8.72
C HIS A 114 9.96 -12.70 7.77
N GLU A 115 10.63 -13.67 7.16
CA GLU A 115 10.01 -14.59 6.23
C GLU A 115 9.04 -13.87 5.30
N VAL A 116 9.59 -13.10 4.38
CA VAL A 116 8.77 -12.33 3.44
C VAL A 116 8.86 -12.86 2.02
N HIS A 117 7.70 -13.13 1.42
CA HIS A 117 7.64 -13.62 0.05
C HIS A 117 7.48 -12.37 -0.82
N VAL A 118 8.50 -12.07 -1.63
CA VAL A 118 8.47 -10.90 -2.48
C VAL A 118 7.95 -11.19 -3.88
N LEU A 119 7.01 -10.37 -4.32
CA LEU A 119 6.41 -10.50 -5.64
C LEU A 119 6.45 -9.13 -6.31
N PHE A 120 6.43 -9.12 -7.64
CA PHE A 120 6.43 -7.87 -8.39
C PHE A 120 5.27 -7.86 -9.37
N TYR A 121 4.63 -6.70 -9.53
CA TYR A 121 3.52 -6.59 -10.45
C TYR A 121 3.66 -5.33 -11.28
N GLY A 122 2.94 -5.27 -12.40
CA GLY A 122 3.00 -4.12 -13.26
C GLY A 122 3.42 -4.49 -14.66
N ASP A 123 3.52 -3.50 -15.53
CA ASP A 123 3.88 -3.72 -16.92
C ASP A 123 5.39 -3.48 -17.09
N TYR A 124 6.17 -3.85 -16.08
CA TYR A 124 7.60 -3.64 -16.13
C TYR A 124 8.33 -4.48 -17.16
N LYS A 125 7.85 -5.69 -17.42
CA LYS A 125 8.52 -6.56 -18.40
C LYS A 125 8.50 -5.96 -19.79
N LYS A 126 7.42 -5.24 -20.10
CA LYS A 126 7.26 -4.60 -21.39
C LYS A 126 7.85 -3.20 -21.42
N ARG A 127 7.43 -2.36 -20.49
CA ARG A 127 7.90 -0.99 -20.45
C ARG A 127 9.34 -0.75 -20.01
N LEU A 128 9.92 -1.71 -19.29
CA LEU A 128 11.30 -1.54 -18.84
C LEU A 128 12.24 -1.43 -20.03
N PRO A 129 13.18 -0.47 -19.97
CA PRO A 129 14.13 -0.28 -21.08
C PRO A 129 14.70 -1.59 -21.60
N SER A 130 14.32 -1.93 -22.83
CA SER A 130 14.79 -3.16 -23.45
C SER A 130 16.30 -3.10 -23.64
N THR A 131 17.01 -3.25 -22.52
CA THR A 131 18.48 -3.23 -22.53
C THR A 131 19.08 -4.17 -21.49
N ALA A 132 20.40 -4.30 -21.49
CA ALA A 132 21.08 -5.17 -20.55
C ALA A 132 20.61 -4.96 -19.10
N GLN A 133 20.90 -3.77 -18.57
CA GLN A 133 20.53 -3.41 -17.20
C GLN A 133 19.07 -3.70 -16.90
N GLY A 134 18.21 -3.45 -17.89
CA GLY A 134 16.80 -3.69 -17.70
C GLY A 134 16.48 -5.17 -17.58
N ALA A 135 17.08 -5.98 -18.45
CA ALA A 135 16.86 -7.43 -18.42
C ALA A 135 17.39 -8.04 -17.14
N ALA A 136 18.44 -7.42 -16.62
CA ALA A 136 19.06 -7.89 -15.38
C ALA A 136 18.06 -7.75 -14.24
N VAL A 137 17.38 -6.61 -14.22
CA VAL A 137 16.38 -6.34 -13.20
C VAL A 137 15.25 -7.37 -13.28
N VAL A 138 14.69 -7.53 -14.47
CA VAL A 138 13.61 -8.48 -14.69
C VAL A 138 13.97 -9.87 -14.18
N LYS A 139 15.18 -10.33 -14.52
CA LYS A 139 15.65 -11.64 -14.09
C LYS A 139 15.78 -11.64 -12.57
N SER A 140 16.28 -10.54 -12.02
CA SER A 140 16.45 -10.43 -10.57
C SER A 140 15.08 -10.54 -9.89
N PHE A 141 14.08 -9.91 -10.49
CA PHE A 141 12.72 -9.94 -9.96
C PHE A 141 12.15 -11.35 -9.95
N ASP A 142 12.26 -12.05 -11.07
CA ASP A 142 11.75 -13.42 -11.17
C ASP A 142 12.48 -14.30 -10.15
N ASP A 143 13.80 -14.15 -10.12
CA ASP A 143 14.62 -14.93 -9.20
C ASP A 143 14.18 -14.76 -7.75
N LEU A 144 14.04 -13.51 -7.32
CA LEU A 144 13.64 -13.20 -5.96
C LEU A 144 12.29 -13.80 -5.61
N THR A 145 11.32 -13.65 -6.52
CA THR A 145 9.98 -14.17 -6.31
C THR A 145 9.99 -15.66 -5.98
N ILE A 146 10.86 -16.39 -6.66
CA ILE A 146 10.98 -17.83 -6.45
C ILE A 146 11.82 -18.14 -5.22
N SER A 147 12.84 -17.31 -4.98
CA SER A 147 13.73 -17.50 -3.84
C SER A 147 12.97 -17.42 -2.51
N THR A 148 12.06 -16.47 -2.43
CA THR A 148 11.27 -16.25 -1.21
C THR A 148 9.94 -17.01 -1.21
N SER A 149 9.79 -17.97 -2.10
CA SER A 149 8.56 -18.75 -2.19
C SER A 149 8.33 -19.59 -0.94
N SER A 150 9.43 -19.95 -0.26
CA SER A 150 9.34 -20.76 0.95
C SER A 150 8.84 -19.95 2.15
N ASN A 151 8.97 -18.63 2.08
CA ASN A 151 8.51 -17.76 3.15
C ASN A 151 6.99 -17.69 3.13
N THR A 152 6.36 -17.73 4.30
CA THR A 152 4.90 -17.69 4.38
C THR A 152 4.36 -16.71 5.42
N GLU A 153 5.24 -16.14 6.23
CA GLU A 153 4.80 -15.20 7.26
C GLU A 153 4.18 -13.94 6.66
N HIS A 154 4.88 -13.34 5.69
CA HIS A 154 4.41 -12.12 5.07
C HIS A 154 4.59 -12.11 3.56
N ARG A 155 3.76 -11.32 2.88
CA ARG A 155 3.82 -11.19 1.44
C ARG A 155 4.03 -9.72 1.07
N LEU A 156 5.03 -9.46 0.23
CA LEU A 156 5.34 -8.11 -0.19
C LEU A 156 5.22 -7.97 -1.69
N CYS A 157 4.37 -7.07 -2.14
CA CYS A 157 4.17 -6.84 -3.57
C CYS A 157 4.66 -5.46 -3.97
N PHE A 158 5.65 -5.43 -4.87
CA PHE A 158 6.21 -4.18 -5.35
C PHE A 158 5.59 -3.79 -6.69
N GLY A 159 5.08 -2.57 -6.78
CA GLY A 159 4.47 -2.11 -8.00
C GLY A 159 5.41 -1.38 -8.93
N VAL A 160 5.69 -1.98 -10.08
CA VAL A 160 6.57 -1.37 -11.08
C VAL A 160 5.75 -1.24 -12.35
N PHE A 161 5.22 -0.05 -12.60
CA PHE A 161 4.38 0.21 -13.78
C PHE A 161 3.07 -0.55 -13.62
N GLY A 162 2.59 -0.64 -12.38
CA GLY A 162 1.34 -1.34 -12.13
C GLY A 162 0.18 -0.39 -11.88
N ASN A 163 -0.17 0.38 -12.90
CA ASN A 163 -1.26 1.35 -12.80
C ASN A 163 -2.45 0.98 -13.67
N ASP A 164 -2.18 0.39 -14.83
CA ASP A 164 -3.24 0.00 -15.75
C ASP A 164 -3.14 -1.49 -16.06
N ALA A 165 -4.04 -2.28 -15.47
CA ALA A 165 -4.03 -3.73 -15.67
C ALA A 165 -4.95 -4.21 -16.79
N ALA A 166 -5.80 -3.33 -17.28
CA ALA A 166 -6.75 -3.68 -18.33
C ALA A 166 -6.17 -4.57 -19.43
N GLU A 167 -5.26 -4.04 -20.23
CA GLU A 167 -4.65 -4.79 -21.32
C GLU A 167 -4.03 -6.10 -20.85
N SER A 168 -3.37 -6.07 -19.70
CA SER A 168 -2.73 -7.26 -19.17
C SER A 168 -3.76 -8.35 -18.85
N VAL A 169 -4.84 -7.96 -18.19
CA VAL A 169 -5.89 -8.90 -17.84
C VAL A 169 -6.50 -9.49 -19.12
N ALA A 170 -6.71 -8.63 -20.12
CA ALA A 170 -7.28 -9.06 -21.38
C ALA A 170 -6.44 -10.15 -22.05
N GLN A 171 -5.13 -9.92 -22.13
CA GLN A 171 -4.24 -10.88 -22.77
C GLN A 171 -4.04 -12.14 -21.92
N PHE A 172 -4.10 -11.99 -20.60
CA PHE A 172 -3.95 -13.13 -19.71
C PHE A 172 -5.18 -14.03 -19.80
N SER A 173 -6.35 -13.41 -19.99
CA SER A 173 -7.59 -14.15 -20.09
C SER A 173 -7.66 -14.93 -21.40
N ILE A 174 -7.22 -14.28 -22.48
CA ILE A 174 -7.23 -14.92 -23.78
C ILE A 174 -6.35 -16.17 -23.79
N SER A 175 -5.15 -16.05 -23.24
CA SER A 175 -4.23 -17.17 -23.18
C SER A 175 -4.78 -18.26 -22.26
N TRP A 176 -5.35 -17.87 -21.13
CA TRP A 176 -5.90 -18.81 -20.18
C TRP A 176 -7.05 -19.60 -20.81
N ASN A 177 -7.89 -18.91 -21.58
CA ASN A 177 -9.02 -19.57 -22.22
C ASN A 177 -8.57 -20.51 -23.33
N GLU A 178 -7.51 -20.11 -24.03
CA GLU A 178 -6.99 -20.91 -25.12
C GLU A 178 -6.43 -22.25 -24.62
N THR A 179 -5.73 -22.23 -23.49
CA THR A 179 -5.13 -23.43 -22.93
C THR A 179 -6.04 -24.21 -21.96
N HIS A 180 -6.98 -23.51 -21.34
CA HIS A 180 -7.87 -24.14 -20.38
C HIS A 180 -9.24 -24.53 -20.94
N GLY A 181 -9.72 -23.75 -21.92
CA GLY A 181 -11.00 -24.04 -22.51
C GLY A 181 -12.12 -23.20 -21.91
N LYS A 182 -11.82 -22.52 -20.81
CA LYS A 182 -12.81 -21.67 -20.14
C LYS A 182 -12.13 -20.40 -19.64
N PRO A 183 -12.92 -19.34 -19.41
CA PRO A 183 -12.36 -18.08 -18.92
C PRO A 183 -11.87 -18.23 -17.48
N PRO A 184 -10.86 -17.44 -17.08
CA PRO A 184 -10.35 -17.53 -15.71
C PRO A 184 -11.31 -16.89 -14.71
N THR A 185 -11.29 -17.37 -13.47
CA THR A 185 -12.13 -16.82 -12.43
C THR A 185 -11.45 -15.55 -11.95
N ARG A 186 -12.16 -14.74 -11.17
CA ARG A 186 -11.56 -13.51 -10.65
C ARG A 186 -10.30 -13.86 -9.87
N ARG A 187 -10.36 -14.96 -9.13
CA ARG A 187 -9.24 -15.42 -8.33
C ARG A 187 -8.03 -15.71 -9.20
N GLU A 188 -8.24 -16.44 -10.28
CA GLU A 188 -7.18 -16.79 -11.21
C GLU A 188 -6.65 -15.56 -11.95
N ILE A 189 -7.51 -14.58 -12.16
CA ILE A 189 -7.12 -13.35 -12.84
C ILE A 189 -6.17 -12.57 -11.94
N ILE A 190 -6.44 -12.56 -10.64
CA ILE A 190 -5.62 -11.85 -9.67
C ILE A 190 -4.29 -12.57 -9.45
N GLU A 191 -4.32 -13.90 -9.43
CA GLU A 191 -3.10 -14.66 -9.25
C GLU A 191 -2.19 -14.40 -10.45
N GLY A 192 -2.80 -14.24 -11.61
CA GLY A 192 -2.04 -13.98 -12.82
C GLY A 192 -1.37 -12.63 -12.87
N TYR A 193 -2.00 -11.62 -12.27
CA TYR A 193 -1.45 -10.27 -12.28
C TYR A 193 -0.41 -10.08 -11.17
N TYR A 194 -0.75 -10.50 -9.96
CA TYR A 194 0.16 -10.35 -8.82
C TYR A 194 1.06 -11.57 -8.60
N GLY A 195 0.85 -12.61 -9.41
CA GLY A 195 1.65 -13.81 -9.30
C GLY A 195 1.21 -14.73 -8.17
N GLU A 196 0.21 -14.30 -7.42
CA GLU A 196 -0.30 -15.07 -6.29
C GLU A 196 -1.61 -14.41 -5.88
N TYR A 197 -2.52 -15.16 -5.27
CA TYR A 197 -3.79 -14.56 -4.85
C TYR A 197 -3.62 -13.59 -3.69
N VAL A 198 -4.26 -12.43 -3.81
CA VAL A 198 -4.21 -11.42 -2.78
C VAL A 198 -5.60 -10.86 -2.56
N ASP A 199 -6.00 -10.76 -1.29
CA ASP A 199 -7.32 -10.25 -0.94
C ASP A 199 -7.41 -8.76 -1.22
N LYS A 200 -8.64 -8.25 -1.35
CA LYS A 200 -8.85 -6.83 -1.60
C LYS A 200 -8.06 -6.04 -0.56
N ALA A 201 -7.66 -4.82 -0.90
CA ALA A 201 -6.91 -3.99 0.02
C ALA A 201 -7.83 -3.48 1.12
N ASP A 202 -7.39 -3.60 2.37
CA ASP A 202 -8.19 -3.15 3.50
C ASP A 202 -7.95 -1.68 3.82
N MET A 203 -6.81 -1.17 3.36
CA MET A 203 -6.49 0.24 3.57
C MET A 203 -5.35 0.72 2.69
N PHE A 204 -5.36 2.01 2.41
CA PHE A 204 -4.35 2.65 1.60
C PHE A 204 -3.84 3.86 2.39
N ILE A 205 -2.53 3.92 2.60
CA ILE A 205 -1.96 5.03 3.33
C ILE A 205 -1.10 5.89 2.41
N GLY A 206 -1.66 7.02 1.98
CA GLY A 206 -0.93 7.91 1.10
C GLY A 206 -0.47 9.14 1.86
N PHE A 207 -0.12 10.20 1.14
CA PHE A 207 0.34 11.42 1.78
C PHE A 207 0.10 12.60 0.84
N GLY A 208 -0.06 13.79 1.42
CA GLY A 208 -0.29 14.97 0.61
C GLY A 208 -1.63 14.92 -0.12
N ARG A 209 -1.61 15.24 -1.40
CA ARG A 209 -2.82 15.24 -2.21
C ARG A 209 -3.61 13.95 -2.08
N PHE A 210 -4.90 14.08 -1.85
CA PHE A 210 -5.81 12.95 -1.70
C PHE A 210 -5.95 12.20 -3.02
N SER A 211 -5.28 11.06 -3.13
CA SER A 211 -5.34 10.25 -4.35
C SER A 211 -4.76 8.87 -4.12
N THR A 212 -5.32 7.88 -4.79
CA THR A 212 -4.85 6.51 -4.67
C THR A 212 -4.34 6.05 -6.03
N PHE A 213 -3.52 5.01 -6.04
CA PHE A 213 -2.97 4.52 -7.30
C PHE A 213 -2.17 3.23 -7.18
N ASP A 214 -1.96 2.61 -8.34
CA ASP A 214 -1.16 1.39 -8.48
C ASP A 214 -1.46 0.14 -7.67
N PHE A 215 -2.72 -0.24 -7.60
CA PHE A 215 -3.11 -1.47 -6.93
C PHE A 215 -4.38 -1.98 -7.58
N PRO A 216 -4.31 -2.22 -8.91
CA PRO A 216 -5.40 -2.70 -9.75
C PRO A 216 -6.06 -3.98 -9.24
N LEU A 217 -7.39 -4.04 -9.40
CA LEU A 217 -8.17 -5.21 -9.01
C LEU A 217 -8.33 -5.41 -7.51
N LEU A 218 -7.52 -4.73 -6.70
CA LEU A 218 -7.60 -4.91 -5.26
C LEU A 218 -8.28 -3.78 -4.48
N SER A 219 -8.99 -2.91 -5.19
CA SER A 219 -9.67 -1.81 -4.54
C SER A 219 -11.16 -2.06 -4.39
N SER A 220 -11.74 -1.55 -3.30
CA SER A 220 -13.16 -1.69 -3.03
C SER A 220 -13.59 -0.57 -2.10
N GLY A 221 -14.90 -0.38 -1.98
CA GLY A 221 -15.42 0.66 -1.10
C GLY A 221 -14.99 0.42 0.33
N LYS A 222 -14.49 -0.78 0.60
CA LYS A 222 -14.04 -1.14 1.95
C LYS A 222 -12.55 -0.86 2.18
N THR A 223 -11.90 -0.28 1.17
CA THR A 223 -10.49 0.05 1.30
C THR A 223 -10.39 1.39 2.02
N SER A 224 -10.10 1.36 3.32
CA SER A 224 -9.99 2.58 4.12
C SER A 224 -8.83 3.45 3.65
N LEU A 225 -9.13 4.68 3.28
CA LEU A 225 -8.11 5.61 2.81
C LEU A 225 -7.62 6.57 3.88
N TYR A 226 -6.31 6.81 3.89
CA TYR A 226 -5.67 7.71 4.85
C TYR A 226 -4.60 8.52 4.13
N PHE A 227 -4.48 9.79 4.50
CA PHE A 227 -3.51 10.67 3.88
C PHE A 227 -2.75 11.48 4.92
N THR A 228 -1.52 11.06 5.19
CA THR A 228 -0.68 11.76 6.16
C THR A 228 -0.27 13.09 5.54
N VAL A 229 0.10 14.06 6.39
CA VAL A 229 0.51 15.36 5.90
C VAL A 229 1.96 15.31 5.42
N ALA A 230 2.81 14.62 6.17
CA ALA A 230 4.22 14.52 5.82
C ALA A 230 4.52 13.30 4.96
N PRO A 231 5.66 13.32 4.25
CA PRO A 231 6.10 12.23 3.37
C PRO A 231 6.05 10.86 4.03
N SER A 232 5.90 9.83 3.20
CA SER A 232 5.82 8.44 3.66
C SER A 232 6.86 8.04 4.71
N TYR A 233 8.12 8.38 4.46
CA TYR A 233 9.19 8.03 5.39
C TYR A 233 9.09 8.65 6.77
N TYR A 234 8.24 9.67 6.91
CA TYR A 234 8.06 10.33 8.20
C TYR A 234 7.10 9.54 9.11
N MET A 235 6.52 8.47 8.55
CA MET A 235 5.59 7.63 9.30
C MET A 235 6.13 7.24 10.67
N THR A 236 5.37 7.55 11.71
CA THR A 236 5.77 7.23 13.08
C THR A 236 4.95 6.06 13.61
N GLU A 237 5.33 5.57 14.78
CA GLU A 237 4.63 4.46 15.42
C GLU A 237 3.22 4.89 15.80
N THR A 238 3.12 6.06 16.44
CA THR A 238 1.83 6.61 16.87
C THR A 238 0.86 6.78 15.72
N THR A 239 1.35 7.31 14.61
CA THR A 239 0.52 7.54 13.44
C THR A 239 -0.08 6.24 12.90
N LEU A 240 0.75 5.21 12.80
CA LEU A 240 0.28 3.92 12.28
C LEU A 240 -0.80 3.32 13.18
N ARG A 241 -0.58 3.35 14.49
CA ARG A 241 -1.55 2.80 15.42
C ARG A 241 -2.87 3.55 15.36
N ARG A 242 -2.81 4.87 15.18
CA ARG A 242 -4.02 5.67 15.09
C ARG A 242 -4.77 5.31 13.82
N ILE A 243 -4.02 4.99 12.77
CA ILE A 243 -4.62 4.60 11.50
C ILE A 243 -5.24 3.22 11.65
N LEU A 244 -4.47 2.29 12.22
CA LEU A 244 -4.94 0.93 12.44
C LEU A 244 -6.21 0.95 13.29
N TYR A 245 -6.14 1.62 14.44
CA TYR A 245 -7.28 1.70 15.34
C TYR A 245 -8.53 2.21 14.63
N ASP A 246 -8.39 3.28 13.86
CA ASP A 246 -9.51 3.86 13.14
C ASP A 246 -10.17 2.85 12.20
N HIS A 247 -9.35 2.15 11.43
CA HIS A 247 -9.85 1.16 10.48
C HIS A 247 -10.55 -0.01 11.15
N ILE A 248 -9.87 -0.58 12.14
CA ILE A 248 -10.38 -1.75 12.86
C ILE A 248 -11.62 -1.51 13.71
N TYR A 249 -11.63 -0.42 14.47
CA TYR A 249 -12.76 -0.13 15.37
C TYR A 249 -13.74 0.97 14.99
N LEU A 250 -13.34 1.89 14.13
CA LEU A 250 -14.23 3.00 13.78
C LEU A 250 -14.90 2.98 12.41
N ARG A 251 -14.15 2.65 11.35
CA ARG A 251 -14.73 2.65 10.02
C ARG A 251 -16.06 1.91 9.97
N HIS A 252 -16.07 0.64 10.33
CA HIS A 252 -17.32 -0.12 10.34
C HIS A 252 -17.78 -0.41 11.76
N PHE A 253 -18.40 0.61 12.36
CA PHE A 253 -18.91 0.54 13.71
C PHE A 253 -20.16 -0.34 13.75
N ARG A 254 -20.41 -0.96 14.90
CA ARG A 254 -21.57 -1.82 15.07
C ARG A 254 -21.94 -1.91 16.56
N PRO A 255 -23.25 -2.01 16.84
CA PRO A 255 -24.37 -2.03 15.89
C PRO A 255 -24.53 -0.74 15.09
N LYS A 256 -24.97 -0.87 13.84
CA LYS A 256 -25.19 0.29 12.97
C LYS A 256 -26.23 1.22 13.58
N PRO A 257 -26.42 2.42 12.98
CA PRO A 257 -27.40 3.38 13.49
C PRO A 257 -28.84 3.03 13.16
N ASP A 258 -29.74 3.33 14.10
CA ASP A 258 -31.17 3.08 13.94
C ASP A 258 -31.88 4.43 14.04
N TYR A 259 -31.98 5.13 12.91
CA TYR A 259 -32.62 6.44 12.88
C TYR A 259 -33.99 6.48 13.53
N SER A 260 -34.87 5.58 13.10
CA SER A 260 -36.24 5.51 13.63
C SER A 260 -36.31 5.46 15.16
N ALA A 261 -35.45 4.66 15.76
CA ALA A 261 -35.44 4.50 17.21
C ALA A 261 -34.78 5.63 18.00
N MET A 262 -34.31 6.67 17.31
CA MET A 262 -33.66 7.79 17.99
C MET A 262 -34.64 8.89 18.37
N SER A 263 -34.34 9.59 19.46
CA SER A 263 -35.18 10.68 19.93
C SER A 263 -35.14 11.85 18.95
N ALA A 264 -36.06 12.78 19.12
CA ALA A 264 -36.13 13.94 18.24
C ALA A 264 -34.92 14.86 18.42
N ASP A 265 -34.34 14.85 19.62
CA ASP A 265 -33.19 15.69 19.90
C ASP A 265 -31.91 15.11 19.31
N GLN A 266 -31.74 13.80 19.43
CA GLN A 266 -30.55 13.14 18.88
C GLN A 266 -30.47 13.41 17.38
N LEU A 267 -31.62 13.41 16.72
CA LEU A 267 -31.68 13.66 15.28
C LEU A 267 -31.30 15.11 14.97
N ASN A 268 -31.70 16.03 15.86
CA ASN A 268 -31.38 17.43 15.66
C ASN A 268 -29.90 17.68 15.86
N VAL A 269 -29.32 17.02 16.87
CA VAL A 269 -27.90 17.15 17.15
C VAL A 269 -27.12 16.63 15.94
N LEU A 270 -27.59 15.52 15.39
CA LEU A 270 -26.94 14.93 14.22
C LEU A 270 -27.05 15.87 13.03
N ARG A 271 -28.25 16.38 12.77
CA ARG A 271 -28.45 17.30 11.66
C ARG A 271 -27.56 18.52 11.80
N ASN A 272 -27.40 19.00 13.03
CA ASN A 272 -26.56 20.17 13.27
C ASN A 272 -25.10 19.86 12.96
N ARG A 273 -24.69 18.62 13.19
CA ARG A 273 -23.32 18.20 12.91
C ARG A 273 -23.02 18.36 11.43
N TYR A 274 -24.06 18.39 10.61
CA TYR A 274 -23.90 18.53 9.16
C TYR A 274 -24.17 19.95 8.67
N ARG A 275 -25.20 20.58 9.20
CA ARG A 275 -25.55 21.94 8.78
C ARG A 275 -24.82 23.05 9.51
N ALA A 276 -24.12 22.72 10.60
CA ALA A 276 -23.35 23.71 11.34
C ALA A 276 -22.35 24.30 10.37
N GLN A 277 -21.61 23.40 9.70
CA GLN A 277 -20.62 23.77 8.70
C GLN A 277 -21.08 23.11 7.40
N PRO A 278 -22.07 23.72 6.73
CA PRO A 278 -22.69 23.26 5.48
C PRO A 278 -21.79 23.06 4.26
N ASP A 279 -20.66 23.75 4.20
CA ASP A 279 -19.76 23.63 3.05
C ASP A 279 -18.42 23.00 3.39
N ARG A 280 -18.37 22.27 4.50
CA ARG A 280 -17.14 21.62 4.95
C ARG A 280 -16.74 20.50 3.99
N VAL A 281 -15.49 20.55 3.50
CA VAL A 281 -15.00 19.55 2.57
C VAL A 281 -13.56 19.15 2.86
N PHE A 282 -13.29 17.85 2.78
CA PHE A 282 -11.94 17.33 2.99
C PHE A 282 -11.38 16.98 1.62
N GLY A 283 -10.23 17.57 1.30
CA GLY A 283 -9.62 17.32 0.00
C GLY A 283 -9.15 18.61 -0.63
N VAL A 284 -9.76 19.72 -0.26
CA VAL A 284 -9.37 21.02 -0.79
C VAL A 284 -8.12 21.46 -0.02
N GLY A 285 -7.18 22.08 -0.72
CA GLY A 285 -5.96 22.50 -0.06
C GLY A 285 -5.47 23.89 -0.43
N CYS A 286 -4.20 24.13 -0.12
CA CYS A 286 -3.55 25.40 -0.40
C CYS A 286 -2.12 25.09 -0.81
N VAL A 287 -1.53 25.96 -1.62
CA VAL A 287 -0.17 25.73 -2.09
C VAL A 287 0.86 26.62 -1.43
N HIS A 288 1.98 26.01 -1.05
CA HIS A 288 3.09 26.71 -0.41
C HIS A 288 4.37 26.19 -1.07
N ASP A 289 5.06 27.07 -1.80
CA ASP A 289 6.29 26.69 -2.48
C ASP A 289 6.04 25.56 -3.47
N GLY A 290 4.89 25.63 -4.15
CA GLY A 290 4.56 24.62 -5.13
C GLY A 290 4.09 23.31 -4.53
N ILE A 291 4.06 23.23 -3.21
CA ILE A 291 3.63 22.02 -2.51
C ILE A 291 2.23 22.17 -1.94
N TRP A 292 1.35 21.25 -2.35
CA TRP A 292 -0.05 21.24 -1.92
C TRP A 292 -0.22 20.69 -0.50
N PHE A 293 -1.01 21.40 0.31
CA PHE A 293 -1.29 20.99 1.68
C PHE A 293 -2.79 21.00 1.92
N ALA A 294 -3.33 19.91 2.46
CA ALA A 294 -4.75 19.81 2.73
C ALA A 294 -5.16 20.84 3.77
N GLU A 295 -6.36 21.41 3.58
CA GLU A 295 -6.89 22.42 4.49
C GLU A 295 -7.80 21.77 5.54
N GLY A 296 -8.28 22.59 6.47
CA GLY A 296 -9.16 22.08 7.52
C GLY A 296 -8.51 20.99 8.35
P PO4 B . -0.95 6.43 -12.15
O1 PO4 B . -2.29 5.88 -11.79
O2 PO4 B . -0.84 7.81 -11.62
O3 PO4 B . -0.80 6.44 -13.62
O4 PO4 B . 0.10 5.58 -11.53
P PO4 C . -14.18 2.07 4.66
O1 PO4 C . -15.24 3.09 4.53
O2 PO4 C . -14.80 0.75 4.96
O3 PO4 C . -13.42 1.97 3.38
O4 PO4 C . -13.26 2.44 5.75
P PO4 D . -9.23 -1.08 -10.76
O1 PO4 D . -9.96 -2.07 -9.74
O2 PO4 D . -9.51 0.46 -10.25
O3 PO4 D . -9.77 -1.42 -12.33
O4 PO4 D . -7.68 -1.32 -10.70
O1A 9AX E . 7.34 10.35 -5.29
O2A 9AX E . 7.63 12.36 -6.86
O3A 9AX E . 8.60 12.41 -4.44
O1B 9AX E . 7.52 14.64 -5.23
O2B 9AX E . 10.02 14.26 -5.55
O3B 9AX E . 9.05 14.63 -3.19
O 9AX E . 9.69 10.93 -6.23
C2 9AX E . 11.59 3.38 -2.58
C5 9AX E . 14.10 3.46 -4.06
C4 9AX E . 13.84 2.29 -3.23
C6 9AX E . 15.46 3.79 -4.35
C7 9AX E . 15.86 4.85 -5.19
PA 9AX E . 8.27 11.45 -5.68
PB 9AX E . 8.72 14.02 -4.63
C15 9AX E . 9.72 10.04 -7.34
C14 9AX E . 11.00 9.21 -7.23
C13 9AX E . 10.92 7.71 -7.56
C16 9AX E . 9.62 7.03 -8.01
C12 9AX E . 12.22 6.91 -7.45
C11 9AX E . 12.16 5.75 -6.43
C9 9AX E . 13.39 5.49 -5.47
C20 9AX E . 13.57 6.79 -4.61
C10 9AX E . 12.98 4.24 -4.59
C1 9AX E . 12.01 4.60 -3.43
C3 9AX E . 12.32 2.07 -2.98
C18 9AX E . 14.35 1.02 -3.95
C19 9AX E . 14.57 2.40 -1.87
C8 9AX E . 14.77 5.15 -6.22
C17 9AX E . 15.33 6.29 -7.09
#